data_1XPI
#
_entry.id   1XPI
#
_cell.length_a   97.307
_cell.length_b   97.307
_cell.length_c   86.237
_cell.angle_alpha   90.00
_cell.angle_beta   90.00
_cell.angle_gamma   120.00
#
_symmetry.space_group_name_H-M   'P 32 2 1'
#
loop_
_entity.id
_entity.type
_entity.pdbx_description
1 polymer 'Ribosomal large subunit pseudouridine synthase C'
2 non-polymer 'ACETIC ACID'
3 water water
#
_entity_poly.entity_id   1
_entity_poly.type   'polypeptide(L)'
_entity_poly.pdbx_seq_one_letter_code
;AALADVILYEDDHILVLNKPSGTAVHGGSGLSFGVIEGLRALRPEARFLELVHRLDRDTSGVLLVAKKRSALRSLHEQLR
EKGMQKDYLALVRGQWQSHVKSVQAPLLKNILQSGERIVRVSQEGKPSETRFKVEERYAFATLVRCSPVTGRTHQIRVHT
QYAGHPIAFDDRYGDREFDRQLTEAGTGLNRLFLHAAALKFTHPGTGEVMRIEAPMDEGLKRCLQKLRNAR
;
_entity_poly.pdbx_strand_id   A,B
#
loop_
_chem_comp.id
_chem_comp.type
_chem_comp.name
_chem_comp.formula
ACY non-polymer 'ACETIC ACID' 'C2 H4 O2'
#
# COMPACT_ATOMS: atom_id res chain seq x y z
N ALA A 1 -6.08 6.11 -24.63
CA ALA A 1 -5.01 6.67 -25.52
C ALA A 1 -3.57 6.28 -25.11
N ALA A 2 -2.92 5.42 -25.89
CA ALA A 2 -3.63 4.43 -26.67
C ALA A 2 -3.53 3.14 -25.91
N LEU A 3 -4.64 2.41 -25.79
CA LEU A 3 -4.61 1.02 -25.36
C LEU A 3 -3.63 0.17 -26.18
N ALA A 4 -3.48 0.46 -27.46
CA ALA A 4 -2.56 -0.32 -28.32
C ALA A 4 -1.08 -0.18 -27.91
N ASP A 5 -0.75 0.91 -27.22
CA ASP A 5 0.64 1.14 -26.80
C ASP A 5 1.04 0.24 -25.57
N VAL A 6 0.06 -0.27 -24.81
CA VAL A 6 0.32 -1.25 -23.77
C VAL A 6 1.09 -2.43 -24.32
N ILE A 7 0.82 -2.78 -25.59
CA ILE A 7 1.55 -3.86 -26.23
C ILE A 7 2.86 -3.43 -26.85
N LEU A 8 3.97 -3.89 -26.25
CA LEU A 8 5.28 -3.53 -26.79
C LEU A 8 5.68 -4.52 -27.84
N TYR A 9 5.33 -5.79 -27.63
CA TYR A 9 5.80 -6.87 -28.54
C TYR A 9 4.91 -8.08 -28.33
N GLU A 10 4.54 -8.73 -29.40
CA GLU A 10 3.81 -10.00 -29.26
C GLU A 10 4.08 -10.92 -30.44
N ASP A 11 4.24 -12.19 -30.18
CA ASP A 11 4.22 -13.19 -31.22
C ASP A 11 3.59 -14.45 -30.58
N ASP A 12 3.74 -15.64 -31.17
CA ASP A 12 3.21 -16.85 -30.53
C ASP A 12 3.92 -17.28 -29.26
N HIS A 13 5.08 -16.72 -28.98
CA HIS A 13 5.88 -17.26 -27.83
C HIS A 13 5.70 -16.41 -26.63
N ILE A 14 5.67 -15.10 -26.85
CA ILE A 14 5.72 -14.17 -25.71
C ILE A 14 4.86 -13.00 -25.92
N LEU A 15 4.55 -12.30 -24.85
CA LEU A 15 3.80 -11.05 -24.95
C LEU A 15 4.54 -10.09 -23.98
N VAL A 16 4.78 -8.87 -24.41
CA VAL A 16 5.58 -7.92 -23.66
C VAL A 16 4.77 -6.69 -23.62
N LEU A 17 4.47 -6.26 -22.41
CA LEU A 17 3.61 -5.15 -22.12
C LEU A 17 4.44 -4.03 -21.50
N ASN A 18 3.91 -2.82 -21.66
CA ASN A 18 4.31 -1.66 -20.91
C ASN A 18 3.30 -1.57 -19.83
N LYS A 19 3.64 -2.14 -18.66
CA LYS A 19 2.75 -2.15 -17.53
C LYS A 19 2.53 -0.72 -16.96
N PRO A 20 1.25 -0.28 -16.84
CA PRO A 20 1.03 1.04 -16.26
C PRO A 20 1.26 1.08 -14.75
N SER A 21 1.66 2.26 -14.23
CA SER A 21 1.83 2.36 -12.79
C SER A 21 0.40 2.36 -12.21
N GLY A 22 0.13 1.68 -11.11
CA GLY A 22 -1.25 1.61 -10.57
C GLY A 22 -1.95 0.30 -10.86
N THR A 23 -1.50 -0.42 -11.87
CA THR A 23 -2.13 -1.71 -12.20
C THR A 23 -1.31 -2.88 -11.68
N ALA A 24 -1.95 -3.71 -10.87
CA ALA A 24 -1.37 -4.97 -10.34
C ALA A 24 -1.21 -5.99 -11.44
N VAL A 25 -0.13 -6.78 -11.41
CA VAL A 25 0.11 -7.81 -12.48
C VAL A 25 -0.68 -9.08 -12.28
N HIS A 26 -1.17 -9.29 -11.08
CA HIS A 26 -2.08 -10.38 -10.81
C HIS A 26 -2.92 -9.99 -9.56
N GLY A 27 -3.93 -10.80 -9.22
CA GLY A 27 -4.73 -10.52 -8.07
C GLY A 27 -4.02 -10.65 -6.72
N GLY A 28 -4.61 -9.95 -5.75
CA GLY A 28 -4.15 -9.89 -4.38
C GLY A 28 -4.84 -10.99 -3.58
N SER A 29 -4.65 -10.95 -2.27
CA SER A 29 -5.05 -12.07 -1.43
C SER A 29 -6.58 -12.29 -1.39
N GLY A 30 -7.34 -11.20 -1.54
CA GLY A 30 -8.78 -11.27 -1.50
C GLY A 30 -9.47 -11.15 -2.87
N LEU A 31 -10.49 -10.32 -2.89
CA LEU A 31 -11.36 -10.23 -4.07
C LEU A 31 -10.75 -9.21 -5.08
N SER A 32 -9.66 -9.60 -5.75
CA SER A 32 -9.06 -8.73 -6.73
C SER A 32 -8.40 -9.46 -7.90
N PHE A 33 -8.24 -8.74 -9.04
CA PHE A 33 -7.66 -9.33 -10.26
C PHE A 33 -6.57 -8.40 -10.73
N GLY A 34 -5.65 -8.87 -11.56
CA GLY A 34 -4.73 -7.96 -12.14
C GLY A 34 -4.58 -8.28 -13.63
N VAL A 35 -3.44 -7.83 -14.17
CA VAL A 35 -3.15 -8.03 -15.62
C VAL A 35 -3.35 -9.48 -16.05
N ILE A 36 -2.77 -10.45 -15.34
CA ILE A 36 -2.72 -11.82 -15.91
C ILE A 36 -4.14 -12.49 -16.03
N GLU A 37 -4.98 -12.28 -15.01
CA GLU A 37 -6.38 -12.79 -14.99
C GLU A 37 -7.17 -12.06 -16.04
N GLY A 38 -6.94 -10.74 -16.18
CA GLY A 38 -7.63 -10.00 -17.23
C GLY A 38 -7.38 -10.59 -18.61
N LEU A 39 -6.13 -11.00 -18.86
CA LEU A 39 -5.71 -11.47 -20.14
C LEU A 39 -6.26 -12.89 -20.36
N ARG A 40 -6.30 -13.74 -19.33
CA ARG A 40 -6.83 -15.10 -19.47
C ARG A 40 -8.31 -15.04 -19.77
N ALA A 41 -9.00 -14.02 -19.23
CA ALA A 41 -10.45 -13.80 -19.41
C ALA A 41 -10.84 -13.46 -20.86
N LEU A 42 -9.85 -13.07 -21.65
CA LEU A 42 -10.02 -12.87 -23.11
C LEU A 42 -9.90 -14.16 -23.98
N ARG A 43 -9.65 -15.31 -23.35
CA ARG A 43 -9.23 -16.52 -24.09
C ARG A 43 -10.00 -17.70 -23.53
N ALA A 46 -8.66 -21.18 -22.79
CA ALA A 46 -8.01 -22.34 -22.11
C ALA A 46 -6.46 -22.32 -22.15
N ARG A 47 -5.91 -21.42 -22.98
CA ARG A 47 -4.52 -21.41 -23.45
C ARG A 47 -3.50 -21.09 -22.31
N PHE A 48 -2.23 -21.40 -22.55
CA PHE A 48 -1.15 -21.16 -21.61
C PHE A 48 -0.75 -19.66 -21.60
N LEU A 49 -0.73 -19.09 -20.41
CA LEU A 49 -0.24 -17.73 -20.17
C LEU A 49 0.36 -17.65 -18.80
N GLU A 50 1.61 -17.23 -18.68
CA GLU A 50 2.17 -17.11 -17.36
C GLU A 50 3.18 -15.94 -17.32
N LEU A 51 3.15 -15.17 -16.25
CA LEU A 51 4.11 -14.11 -16.00
C LEU A 51 5.48 -14.70 -15.77
N VAL A 52 6.47 -14.17 -16.48
CA VAL A 52 7.82 -14.66 -16.36
C VAL A 52 8.43 -14.01 -15.10
N HIS A 53 7.98 -12.81 -14.75
CA HIS A 53 8.56 -12.10 -13.64
C HIS A 53 7.45 -11.14 -13.20
N ARG A 54 7.71 -10.40 -12.11
CA ARG A 54 6.68 -9.47 -11.65
C ARG A 54 7.21 -8.06 -11.58
N LEU A 55 6.31 -7.07 -11.74
CA LEU A 55 6.63 -5.69 -11.36
C LEU A 55 5.66 -5.36 -10.25
N ASP A 56 6.06 -4.50 -9.30
CA ASP A 56 5.05 -4.22 -8.29
C ASP A 56 4.00 -3.25 -8.84
N ARG A 57 2.97 -3.05 -8.05
CA ARG A 57 1.79 -2.37 -8.48
C ARG A 57 2.13 -0.99 -8.98
N ASP A 58 2.93 -0.26 -8.21
CA ASP A 58 3.32 1.10 -8.56
C ASP A 58 4.43 1.28 -9.55
N THR A 59 5.14 0.19 -9.86
CA THR A 59 6.15 0.26 -10.94
C THR A 59 5.48 0.22 -12.34
N SER A 60 6.10 0.83 -13.34
CA SER A 60 5.56 0.76 -14.67
C SER A 60 6.63 0.15 -15.58
N GLY A 61 6.27 -0.28 -16.77
CA GLY A 61 7.31 -0.59 -17.73
C GLY A 61 7.30 -2.02 -18.19
N VAL A 62 8.43 -2.47 -18.72
CA VAL A 62 8.54 -3.74 -19.42
C VAL A 62 8.09 -4.95 -18.60
N LEU A 63 7.08 -5.65 -19.13
CA LEU A 63 6.52 -6.85 -18.42
C LEU A 63 6.41 -8.03 -19.38
N LEU A 64 7.13 -9.08 -19.09
CA LEU A 64 7.20 -10.23 -19.96
C LEU A 64 6.27 -11.40 -19.56
N VAL A 65 5.41 -11.82 -20.52
CA VAL A 65 4.43 -12.90 -20.30
C VAL A 65 4.78 -14.06 -21.28
N ALA A 66 4.95 -15.30 -20.75
CA ALA A 66 5.06 -16.45 -21.64
C ALA A 66 3.70 -16.98 -22.16
N LYS A 67 3.64 -17.30 -23.44
CA LYS A 67 2.46 -17.84 -24.08
C LYS A 67 2.65 -19.31 -24.42
N LYS A 68 3.84 -19.84 -24.19
CA LYS A 68 4.11 -21.27 -24.37
C LYS A 68 4.86 -21.74 -23.20
N ARG A 69 4.70 -23.03 -22.86
CA ARG A 69 5.49 -23.69 -21.84
C ARG A 69 6.94 -23.67 -22.18
N SER A 70 7.25 -23.92 -23.47
CA SER A 70 8.65 -23.90 -23.94
C SER A 70 9.25 -22.52 -23.70
N ALA A 71 8.43 -21.50 -23.86
CA ALA A 71 8.93 -20.10 -23.67
C ALA A 71 9.22 -19.77 -22.19
N LEU A 72 8.33 -20.17 -21.28
CA LEU A 72 8.57 -20.03 -19.87
C LEU A 72 9.77 -20.83 -19.44
N ARG A 73 9.86 -22.07 -19.92
CA ARG A 73 11.05 -22.88 -19.66
C ARG A 73 12.34 -22.13 -19.96
N SER A 74 12.44 -21.65 -21.19
CA SER A 74 13.61 -20.86 -21.64
C SER A 74 13.82 -19.60 -20.79
N LEU A 75 12.77 -18.81 -20.58
CA LEU A 75 12.90 -17.55 -19.88
C LEU A 75 13.20 -17.68 -18.39
N HIS A 76 12.54 -18.62 -17.67
CA HIS A 76 12.97 -19.02 -16.27
C HIS A 76 14.42 -19.31 -16.15
N GLU A 77 14.90 -20.13 -17.06
CA GLU A 77 16.33 -20.47 -17.11
C GLU A 77 17.24 -19.24 -17.35
N GLN A 78 16.87 -18.37 -18.31
CA GLN A 78 17.62 -17.09 -18.45
C GLN A 78 17.68 -16.26 -17.19
N LEU A 79 16.56 -16.14 -16.47
CA LEU A 79 16.52 -15.42 -15.23
C LEU A 79 17.49 -16.05 -14.21
N ARG A 80 17.42 -17.37 -14.10
CA ARG A 80 18.23 -18.12 -13.16
C ARG A 80 19.72 -17.94 -13.43
N GLU A 81 20.09 -17.99 -14.68
CA GLU A 81 21.46 -17.94 -15.10
C GLU A 81 21.94 -16.52 -15.30
N LYS A 82 21.17 -15.55 -14.77
CA LYS A 82 21.35 -14.08 -14.99
C LYS A 82 21.62 -13.74 -16.42
N GLY A 83 21.01 -14.44 -17.38
CA GLY A 83 21.10 -14.14 -18.83
C GLY A 83 19.99 -13.22 -19.40
N MET A 84 19.38 -12.45 -18.50
CA MET A 84 18.55 -11.28 -18.81
C MET A 84 19.22 -9.96 -18.31
N GLN A 85 18.92 -8.85 -18.95
CA GLN A 85 19.33 -7.56 -18.44
C GLN A 85 17.98 -6.82 -18.34
N LYS A 86 17.62 -6.36 -17.15
CA LYS A 86 16.47 -5.46 -16.94
C LYS A 86 17.03 -4.15 -16.42
N ASP A 87 16.87 -3.07 -17.16
CA ASP A 87 17.27 -1.73 -16.75
C ASP A 87 16.05 -0.99 -16.39
N TYR A 88 16.08 -0.38 -15.23
CA TYR A 88 15.02 0.43 -14.71
C TYR A 88 15.54 1.81 -14.61
N LEU A 89 14.62 2.81 -14.63
CA LEU A 89 14.98 4.20 -14.29
C LEU A 89 14.25 4.57 -13.02
N ALA A 90 14.97 5.13 -12.03
CA ALA A 90 14.40 5.55 -10.78
C ALA A 90 14.73 6.99 -10.56
N LEU A 91 13.84 7.79 -10.00
CA LEU A 91 14.21 9.15 -9.53
C LEU A 91 14.39 9.04 -8.03
N VAL A 92 15.60 9.37 -7.55
CA VAL A 92 15.98 9.10 -6.18
C VAL A 92 16.37 10.41 -5.47
N ARG A 93 16.18 10.46 -4.16
CA ARG A 93 16.55 11.57 -3.34
C ARG A 93 18.05 11.88 -3.33
N GLY A 94 18.35 13.17 -3.42
CA GLY A 94 19.72 13.67 -3.30
C GLY A 94 20.58 13.37 -4.50
N GLN A 95 21.88 13.29 -4.26
CA GLN A 95 22.82 13.15 -5.33
C GLN A 95 23.50 11.77 -5.20
N TRP A 96 23.11 10.82 -6.05
CA TRP A 96 23.66 9.46 -5.98
C TRP A 96 25.20 9.59 -6.19
N GLN A 97 25.98 8.92 -5.38
CA GLN A 97 27.44 8.98 -5.50
C GLN A 97 28.00 8.13 -6.60
N SER A 98 28.85 8.72 -7.41
CA SER A 98 29.42 8.06 -8.59
C SER A 98 30.18 6.75 -8.35
N HIS A 99 30.84 6.65 -7.21
CA HIS A 99 31.61 5.42 -6.94
C HIS A 99 30.69 4.28 -6.46
N VAL A 100 29.42 4.61 -6.17
CA VAL A 100 28.49 3.56 -5.71
C VAL A 100 27.87 2.88 -6.93
N LYS A 101 28.55 1.84 -7.38
CA LYS A 101 28.17 1.12 -8.59
C LYS A 101 27.28 -0.06 -8.25
N SER A 102 27.24 -0.49 -7.01
CA SER A 102 26.39 -1.64 -6.65
C SER A 102 26.00 -1.57 -5.20
N VAL A 103 24.91 -2.27 -4.85
CA VAL A 103 24.50 -2.52 -3.46
C VAL A 103 24.34 -4.02 -3.36
N GLN A 104 24.89 -4.58 -2.29
CA GLN A 104 25.03 -6.03 -2.13
C GLN A 104 24.26 -6.49 -0.87
N ALA A 105 23.34 -5.62 -0.42
CA ALA A 105 22.62 -5.83 0.87
C ALA A 105 21.57 -6.93 0.76
N PRO A 106 21.66 -7.94 1.64
CA PRO A 106 20.78 -9.10 1.57
C PRO A 106 19.42 -8.73 2.14
N LEU A 107 18.38 -9.42 1.69
CA LEU A 107 17.01 -8.91 1.89
C LEU A 107 16.10 -9.93 2.54
N LEU A 108 15.30 -9.51 3.50
CA LEU A 108 14.20 -10.33 4.00
C LEU A 108 12.84 -9.67 3.78
N LYS A 109 11.88 -10.53 3.48
CA LYS A 109 10.53 -10.13 3.14
C LYS A 109 9.60 -10.65 4.21
N ASN A 110 8.70 -9.82 4.71
CA ASN A 110 7.49 -10.41 5.23
C ASN A 110 6.22 -9.99 4.49
N ILE A 111 5.26 -10.90 4.57
CA ILE A 111 3.99 -10.77 3.92
C ILE A 111 3.01 -10.43 5.03
N LEU A 112 2.24 -9.38 4.80
CA LEU A 112 1.32 -8.83 5.77
C LEU A 112 -0.07 -9.37 5.52
N GLN A 113 -0.95 -9.09 6.48
CA GLN A 113 -2.26 -9.68 6.45
C GLN A 113 -3.02 -9.27 5.20
N SER A 114 -2.70 -8.12 4.64
CA SER A 114 -3.26 -7.71 3.34
C SER A 114 -2.71 -8.43 2.10
N GLY A 115 -1.65 -9.21 2.25
CA GLY A 115 -0.99 -9.70 1.03
C GLY A 115 0.12 -8.78 0.55
N GLU A 116 0.21 -7.60 1.12
CA GLU A 116 1.31 -6.71 0.75
C GLU A 116 2.61 -7.15 1.41
N ARG A 117 3.73 -6.72 0.82
CA ARG A 117 5.06 -7.11 1.22
C ARG A 117 5.76 -5.89 1.83
N ILE A 118 6.55 -6.15 2.86
CA ILE A 118 7.49 -5.16 3.39
C ILE A 118 8.82 -5.96 3.36
N VAL A 119 9.83 -5.37 2.75
CA VAL A 119 11.12 -6.02 2.57
C VAL A 119 12.15 -5.14 3.37
N ARG A 120 13.13 -5.79 3.98
CA ARG A 120 14.13 -5.13 4.77
C ARG A 120 15.48 -5.76 4.54
N VAL A 121 16.48 -4.92 4.64
CA VAL A 121 17.86 -5.40 4.61
C VAL A 121 18.07 -6.16 5.92
N SER A 122 18.58 -7.37 5.80
CA SER A 122 19.01 -8.12 6.96
C SER A 122 20.20 -8.95 6.55
N GLN A 123 21.29 -8.87 7.32
CA GLN A 123 22.53 -9.62 6.95
C GLN A 123 22.27 -11.14 6.98
N GLU A 124 21.20 -11.53 7.65
CA GLU A 124 20.62 -12.87 7.57
C GLU A 124 19.53 -13.10 6.48
N GLY A 125 19.54 -12.31 5.39
CA GLY A 125 18.54 -12.48 4.31
C GLY A 125 19.10 -13.10 3.04
N LYS A 126 18.32 -13.02 1.96
CA LYS A 126 18.71 -13.59 0.70
C LYS A 126 19.70 -12.67 -0.04
N PRO A 127 20.79 -13.29 -0.49
CA PRO A 127 21.87 -12.57 -1.18
C PRO A 127 21.21 -11.78 -2.31
N SER A 128 21.48 -10.47 -2.38
CA SER A 128 20.88 -9.62 -3.41
C SER A 128 21.88 -8.61 -3.99
N GLU A 129 21.74 -8.25 -5.27
CA GLU A 129 22.66 -7.35 -5.92
C GLU A 129 21.96 -6.42 -6.94
N THR A 130 22.15 -5.11 -6.78
CA THR A 130 21.71 -4.19 -7.84
C THR A 130 22.92 -3.40 -8.29
N ARG A 131 22.99 -3.14 -9.60
CA ARG A 131 23.96 -2.25 -10.13
C ARG A 131 23.30 -0.89 -10.40
N PHE A 132 24.10 0.19 -10.32
CA PHE A 132 23.58 1.57 -10.50
C PHE A 132 24.55 2.37 -11.41
N LYS A 133 23.97 3.24 -12.20
CA LYS A 133 24.67 4.11 -13.11
C LYS A 133 23.85 5.39 -13.21
N VAL A 134 24.46 6.50 -12.79
CA VAL A 134 23.84 7.84 -12.81
C VAL A 134 23.47 8.21 -14.20
N GLU A 135 22.20 8.52 -14.43
CA GLU A 135 21.78 9.03 -15.74
C GLU A 135 21.74 10.56 -15.82
N GLU A 136 21.16 11.22 -14.85
CA GLU A 136 21.06 12.67 -14.93
C GLU A 136 20.99 13.22 -13.53
N ARG A 137 21.60 14.35 -13.29
CA ARG A 137 21.55 14.95 -11.98
C ARG A 137 20.69 16.24 -11.99
N TYR A 138 19.93 16.46 -10.92
CA TYR A 138 19.04 17.63 -10.85
C TYR A 138 19.50 18.35 -9.62
N ALA A 139 18.78 19.37 -9.15
CA ALA A 139 19.21 20.15 -7.97
C ALA A 139 19.20 19.35 -6.66
N PHE A 140 18.18 18.51 -6.49
CA PHE A 140 18.13 17.78 -5.23
C PHE A 140 17.74 16.32 -5.46
N ALA A 141 18.04 15.79 -6.65
CA ALA A 141 17.56 14.44 -7.01
C ALA A 141 18.45 13.92 -8.09
N THR A 142 18.40 12.61 -8.34
CA THR A 142 19.17 12.01 -9.42
C THR A 142 18.27 11.03 -10.14
N LEU A 143 18.46 10.92 -11.46
CA LEU A 143 17.89 9.85 -12.19
C LEU A 143 18.98 8.77 -12.30
N VAL A 144 18.72 7.59 -11.78
CA VAL A 144 19.69 6.51 -11.79
C VAL A 144 19.12 5.34 -12.61
N ARG A 145 19.97 4.75 -13.44
CA ARG A 145 19.66 3.48 -14.05
C ARG A 145 20.04 2.40 -13.08
N CYS A 146 19.06 1.55 -12.80
CA CYS A 146 19.16 0.57 -11.73
C CYS A 146 18.94 -0.76 -12.40
N SER A 147 19.94 -1.66 -12.27
CA SER A 147 19.95 -2.96 -12.97
C SER A 147 19.95 -4.05 -11.94
N PRO A 148 18.77 -4.61 -11.63
CA PRO A 148 18.85 -5.65 -10.59
C PRO A 148 19.53 -6.92 -11.16
N VAL A 149 20.54 -7.45 -10.48
CA VAL A 149 21.16 -8.68 -10.96
C VAL A 149 20.25 -9.85 -10.52
N THR A 150 19.99 -9.89 -9.20
CA THR A 150 19.02 -10.76 -8.61
C THR A 150 17.62 -10.08 -8.79
N GLY A 151 16.55 -10.81 -8.62
CA GLY A 151 15.24 -10.20 -8.86
C GLY A 151 14.42 -10.27 -7.60
N ARG A 152 14.92 -9.81 -6.45
CA ARG A 152 14.08 -9.91 -5.23
C ARG A 152 12.92 -8.90 -5.11
N THR A 153 11.96 -9.17 -4.25
CA THR A 153 10.85 -8.29 -4.08
C THR A 153 11.31 -6.94 -3.56
N HIS A 154 10.84 -5.87 -4.24
CA HIS A 154 11.22 -4.51 -3.89
C HIS A 154 12.71 -4.27 -3.72
N GLN A 155 13.52 -5.06 -4.40
CA GLN A 155 14.98 -4.95 -4.31
C GLN A 155 15.54 -3.56 -4.62
N ILE A 156 15.13 -2.98 -5.76
CA ILE A 156 15.62 -1.66 -6.09
C ILE A 156 15.13 -0.62 -5.07
N ARG A 157 13.86 -0.70 -4.73
CA ARG A 157 13.30 0.28 -3.77
C ARG A 157 14.04 0.26 -2.41
N VAL A 158 14.36 -0.93 -1.92
CA VAL A 158 15.07 -1.10 -0.64
C VAL A 158 16.58 -0.83 -0.80
N HIS A 159 17.18 -1.26 -1.91
CA HIS A 159 18.63 -0.96 -2.16
C HIS A 159 18.92 0.53 -2.26
N THR A 160 18.02 1.27 -2.92
CA THR A 160 18.22 2.71 -3.05
C THR A 160 18.04 3.43 -1.70
N GLN A 161 16.99 3.04 -0.97
CA GLN A 161 16.78 3.56 0.36
C GLN A 161 18.03 3.31 1.25
N TYR A 162 18.45 2.05 1.31
CA TYR A 162 19.60 1.59 2.06
C TYR A 162 20.86 2.44 1.75
N ALA A 163 21.11 2.73 0.45
CA ALA A 163 22.15 3.67 0.02
C ALA A 163 22.01 5.13 0.44
N GLY A 164 20.88 5.50 1.01
CA GLY A 164 20.66 6.90 1.35
C GLY A 164 19.88 7.73 0.33
N HIS A 165 19.35 7.08 -0.70
CA HIS A 165 18.70 7.76 -1.84
C HIS A 165 17.32 7.06 -2.20
N PRO A 166 16.33 7.19 -1.30
CA PRO A 166 15.07 6.49 -1.63
C PRO A 166 14.39 7.07 -2.86
N ILE A 167 13.53 6.25 -3.47
CA ILE A 167 12.81 6.62 -4.65
C ILE A 167 11.71 7.63 -4.32
N ALA A 168 11.50 8.55 -5.27
CA ALA A 168 10.42 9.54 -5.20
C ALA A 168 9.05 8.85 -5.08
N PHE A 169 8.23 9.29 -4.12
CA PHE A 169 6.84 8.80 -3.98
C PHE A 169 6.76 7.32 -3.68
N ASP A 170 7.79 6.82 -3.01
CA ASP A 170 7.78 5.43 -2.55
C ASP A 170 7.13 5.52 -1.19
N ASP A 171 5.90 5.01 -1.05
CA ASP A 171 5.16 5.15 0.22
C ASP A 171 5.70 4.29 1.39
N ARG A 172 6.30 3.16 1.06
CA ARG A 172 6.78 2.18 2.04
C ARG A 172 8.22 2.45 2.45
N TYR A 173 9.06 2.86 1.50
CA TYR A 173 10.45 3.05 1.85
C TYR A 173 10.95 4.49 1.60
N GLY A 174 10.05 5.38 1.19
CA GLY A 174 10.46 6.67 0.69
C GLY A 174 10.62 7.73 1.80
N ASP A 175 10.77 8.98 1.37
CA ASP A 175 10.91 10.08 2.31
C ASP A 175 9.86 11.13 1.95
N ARG A 176 8.89 11.32 2.82
CA ARG A 176 7.79 12.32 2.57
C ARG A 176 8.27 13.77 2.36
N GLU A 177 9.38 14.17 2.98
CA GLU A 177 9.95 15.50 2.74
C GLU A 177 10.55 15.66 1.35
N PHE A 178 11.10 14.59 0.78
CA PHE A 178 11.59 14.58 -0.57
C PHE A 178 10.37 14.68 -1.49
N ASP A 179 9.31 13.92 -1.19
CA ASP A 179 8.10 13.99 -2.00
C ASP A 179 7.47 15.40 -1.93
N ARG A 180 7.40 15.96 -0.70
CA ARG A 180 7.00 17.40 -0.54
C ARG A 180 7.79 18.34 -1.45
N GLN A 181 9.12 18.26 -1.38
CA GLN A 181 10.00 19.08 -2.19
C GLN A 181 9.67 18.96 -3.67
N LEU A 182 9.39 17.73 -4.16
CA LEU A 182 9.04 17.48 -5.59
C LEU A 182 7.70 18.11 -6.03
N THR A 183 6.74 18.08 -5.10
CA THR A 183 5.44 18.72 -5.24
C THR A 183 5.56 20.27 -5.34
N GLU A 184 6.25 20.90 -4.40
CA GLU A 184 6.60 22.35 -4.49
C GLU A 184 7.45 22.75 -5.69
N ALA A 185 8.26 21.86 -6.26
CA ALA A 185 9.03 22.27 -7.42
C ALA A 185 8.13 22.32 -8.65
N GLY A 186 6.91 21.86 -8.46
CA GLY A 186 5.96 21.87 -9.57
C GLY A 186 6.06 20.70 -10.55
N THR A 187 6.65 19.57 -10.14
CA THR A 187 6.90 18.40 -11.07
C THR A 187 5.60 17.76 -11.47
N GLY A 188 4.61 17.79 -10.59
CA GLY A 188 3.29 17.15 -10.77
C GLY A 188 3.34 15.67 -10.44
N LEU A 189 4.47 15.18 -9.94
CA LEU A 189 4.72 13.73 -9.84
C LEU A 189 3.71 13.19 -8.84
N ASN A 190 3.11 12.05 -9.13
CA ASN A 190 2.04 11.55 -8.31
C ASN A 190 2.05 10.02 -8.23
N ARG A 191 3.23 9.43 -8.43
CA ARG A 191 3.35 7.98 -8.33
C ARG A 191 4.85 7.65 -8.09
N LEU A 192 5.09 6.46 -7.54
CA LEU A 192 6.42 5.91 -7.43
C LEU A 192 7.22 6.13 -8.72
N PHE A 193 8.36 6.84 -8.64
CA PHE A 193 9.16 6.99 -9.85
C PHE A 193 10.13 5.82 -10.03
N LEU A 194 9.58 4.70 -10.54
CA LEU A 194 10.40 3.55 -10.88
C LEU A 194 9.74 2.95 -12.11
N HIS A 195 10.55 2.70 -13.13
CA HIS A 195 10.10 2.35 -14.44
C HIS A 195 11.10 1.34 -15.00
N ALA A 196 10.61 0.17 -15.38
CA ALA A 196 11.37 -0.86 -16.03
C ALA A 196 11.48 -0.42 -17.48
N ALA A 197 12.65 0.12 -17.86
CA ALA A 197 12.86 0.81 -19.12
C ALA A 197 13.24 -0.09 -20.27
N ALA A 198 13.95 -1.15 -19.99
CA ALA A 198 14.48 -1.98 -21.06
C ALA A 198 14.69 -3.38 -20.54
N LEU A 199 14.34 -4.36 -21.36
CA LEU A 199 14.65 -5.71 -21.01
C LEU A 199 15.38 -6.34 -22.18
N LYS A 200 16.52 -6.97 -21.89
CA LYS A 200 17.27 -7.70 -22.91
C LYS A 200 17.23 -9.20 -22.60
N PHE A 201 17.00 -10.06 -23.59
CA PHE A 201 16.86 -11.49 -23.28
C PHE A 201 17.03 -12.22 -24.60
N THR A 202 17.02 -13.56 -24.56
CA THR A 202 17.06 -14.35 -25.82
C THR A 202 15.64 -14.84 -26.16
N HIS A 203 15.21 -14.62 -27.39
CA HIS A 203 13.92 -15.11 -27.83
C HIS A 203 13.88 -16.65 -27.78
N PRO A 204 12.90 -17.21 -27.04
CA PRO A 204 13.02 -18.67 -26.84
C PRO A 204 12.72 -19.51 -28.08
N GLY A 205 12.05 -18.94 -29.07
CA GLY A 205 11.76 -19.65 -30.29
C GLY A 205 12.82 -19.45 -31.37
N THR A 206 13.15 -18.20 -31.71
CA THR A 206 14.18 -17.92 -32.74
C THR A 206 15.63 -17.89 -32.26
N GLY A 207 15.83 -17.86 -30.94
CA GLY A 207 17.15 -17.70 -30.31
C GLY A 207 17.93 -16.41 -30.51
N GLU A 208 17.28 -15.40 -31.03
CA GLU A 208 17.88 -14.09 -31.26
C GLU A 208 17.86 -13.34 -29.98
N VAL A 209 18.92 -12.56 -29.75
CA VAL A 209 18.95 -11.61 -28.64
C VAL A 209 18.01 -10.46 -29.02
N MET A 210 17.10 -10.07 -28.11
CA MET A 210 16.12 -8.99 -28.32
C MET A 210 16.26 -7.99 -27.21
N ARG A 211 15.92 -6.76 -27.49
CA ARG A 211 15.86 -5.76 -26.46
C ARG A 211 14.56 -5.01 -26.65
N ILE A 212 13.74 -4.99 -25.61
CA ILE A 212 12.41 -4.33 -25.65
C ILE A 212 12.43 -3.19 -24.63
N GLU A 213 12.03 -1.98 -25.07
CA GLU A 213 12.05 -0.74 -24.24
C GLU A 213 10.64 -0.19 -24.06
N ALA A 214 10.31 0.35 -22.87
CA ALA A 214 9.05 0.95 -22.58
C ALA A 214 9.22 2.45 -22.41
N PRO A 215 8.44 3.27 -23.18
CA PRO A 215 8.37 4.75 -22.91
C PRO A 215 7.89 4.98 -21.51
N MET A 216 8.33 6.06 -20.87
CA MET A 216 7.83 6.48 -19.59
C MET A 216 6.51 7.22 -19.82
N ASP A 217 5.60 7.20 -18.83
CA ASP A 217 4.33 7.83 -19.11
C ASP A 217 4.59 9.36 -19.04
N GLU A 218 3.61 10.12 -19.46
CA GLU A 218 3.71 11.62 -19.51
C GLU A 218 3.97 12.28 -18.16
N GLY A 219 3.41 11.69 -17.10
CA GLY A 219 3.66 12.17 -15.77
C GLY A 219 5.12 12.10 -15.42
N LEU A 220 5.75 10.95 -15.63
CA LEU A 220 7.22 10.81 -15.37
C LEU A 220 8.03 11.83 -16.17
N LYS A 221 7.74 11.91 -17.45
CA LYS A 221 8.43 12.80 -18.40
C LYS A 221 8.29 14.25 -18.01
N ARG A 222 7.12 14.66 -17.57
CA ARG A 222 6.90 16.05 -17.18
C ARG A 222 7.67 16.32 -15.89
N CYS A 223 7.62 15.37 -14.94
CA CYS A 223 8.46 15.46 -13.76
C CYS A 223 9.93 15.77 -14.11
N LEU A 224 10.52 14.95 -14.96
CA LEU A 224 11.94 15.10 -15.34
C LEU A 224 12.20 16.44 -16.06
N GLN A 225 11.39 16.73 -17.09
CA GLN A 225 11.43 18.04 -17.75
C GLN A 225 11.42 19.18 -16.73
N LYS A 226 10.46 19.18 -15.83
CA LYS A 226 10.42 20.17 -14.76
C LYS A 226 11.69 20.29 -13.92
N LEU A 227 12.36 19.17 -13.64
CA LEU A 227 13.60 19.24 -12.89
C LEU A 227 14.85 19.55 -13.75
N ARG A 228 14.89 19.18 -15.01
CA ARG A 228 16.01 19.57 -15.86
C ARG A 228 16.01 21.09 -15.94
N ASN A 229 14.93 21.64 -16.44
CA ASN A 229 14.87 23.08 -16.56
C ASN A 229 14.57 23.80 -15.22
N ALA A 230 14.57 23.08 -14.09
CA ALA A 230 14.27 23.79 -12.80
C ALA A 230 15.46 24.59 -12.29
N ARG A 231 16.67 24.09 -12.54
CA ARG A 231 17.90 24.88 -12.28
C ARG A 231 18.96 24.68 -13.38
N ALA B 1 -11.97 -18.37 13.57
CA ALA B 1 -13.38 -18.71 13.14
C ALA B 1 -14.18 -18.84 14.46
N ALA B 2 -15.38 -18.28 14.55
CA ALA B 2 -16.44 -18.36 13.57
C ALA B 2 -16.70 -17.19 12.64
N LEU B 3 -17.18 -17.57 11.47
CA LEU B 3 -17.71 -16.66 10.47
C LEU B 3 -18.93 -15.89 10.99
N ALA B 4 -19.81 -16.60 11.70
CA ALA B 4 -20.88 -15.99 12.44
C ALA B 4 -20.45 -14.80 13.31
N ASP B 5 -19.16 -14.70 13.65
CA ASP B 5 -18.68 -13.60 14.52
C ASP B 5 -18.40 -12.29 13.80
N VAL B 6 -18.30 -12.30 12.47
CA VAL B 6 -18.16 -11.03 11.75
C VAL B 6 -19.37 -10.07 11.98
N ILE B 7 -20.55 -10.63 12.27
CA ILE B 7 -21.72 -9.82 12.52
C ILE B 7 -21.78 -9.58 13.99
N LEU B 8 -21.63 -8.30 14.39
CA LEU B 8 -21.72 -7.88 15.78
C LEU B 8 -23.19 -7.63 16.19
N TYR B 9 -24.02 -7.27 15.22
CA TYR B 9 -25.38 -6.82 15.50
C TYR B 9 -26.09 -6.62 14.17
N GLU B 10 -27.31 -7.10 14.08
CA GLU B 10 -28.13 -6.91 12.90
C GLU B 10 -29.60 -6.80 13.29
N ASP B 11 -30.32 -5.85 12.71
CA ASP B 11 -31.80 -5.86 12.76
C ASP B 11 -32.26 -5.39 11.40
N ASP B 12 -33.48 -4.86 11.27
CA ASP B 12 -33.99 -4.46 9.96
C ASP B 12 -33.45 -3.09 9.52
N HIS B 13 -32.91 -2.32 10.46
CA HIS B 13 -32.37 -0.99 10.13
C HIS B 13 -30.86 -1.04 9.76
N ILE B 14 -30.10 -1.77 10.59
CA ILE B 14 -28.63 -1.76 10.53
C ILE B 14 -27.97 -3.15 10.61
N LEU B 15 -26.68 -3.14 10.26
CA LEU B 15 -25.82 -4.29 10.27
C LEU B 15 -24.48 -3.72 10.69
N VAL B 16 -23.99 -4.22 11.84
CA VAL B 16 -22.70 -3.86 12.32
C VAL B 16 -21.77 -5.08 12.21
N LEU B 17 -20.68 -4.88 11.50
CA LEU B 17 -19.68 -5.91 11.26
C LEU B 17 -18.43 -5.68 12.07
N ASN B 18 -17.66 -6.75 12.29
CA ASN B 18 -16.32 -6.61 12.84
C ASN B 18 -15.44 -6.71 11.57
N LYS B 19 -15.00 -5.54 11.02
CA LYS B 19 -14.31 -5.55 9.69
C LYS B 19 -12.93 -6.23 9.84
N PRO B 20 -12.62 -7.19 8.95
CA PRO B 20 -11.28 -7.79 9.04
C PRO B 20 -10.18 -6.83 8.50
N SER B 21 -8.98 -6.89 9.12
CA SER B 21 -7.83 -6.21 8.52
C SER B 21 -7.42 -6.93 7.23
N GLY B 22 -7.22 -6.13 6.17
CA GLY B 22 -6.78 -6.64 4.85
C GLY B 22 -7.84 -6.64 3.76
N THR B 23 -9.13 -6.44 4.12
CA THR B 23 -10.16 -6.37 3.09
C THR B 23 -10.72 -4.94 3.12
N ALA B 24 -10.65 -4.25 1.98
CA ALA B 24 -11.28 -2.96 1.86
C ALA B 24 -12.80 -3.01 2.10
N VAL B 25 -13.37 -1.90 2.56
CA VAL B 25 -14.82 -1.80 2.73
C VAL B 25 -15.63 -1.95 1.43
N HIS B 26 -15.08 -1.45 0.32
CA HIS B 26 -15.70 -1.56 -1.00
C HIS B 26 -14.59 -1.72 -2.01
N GLY B 27 -14.96 -1.92 -3.27
CA GLY B 27 -13.99 -2.09 -4.36
C GLY B 27 -13.14 -0.84 -4.67
N GLY B 28 -11.88 -1.10 -5.05
CA GLY B 28 -10.81 -0.10 -5.20
C GLY B 28 -10.87 0.46 -6.59
N SER B 29 -9.77 1.05 -7.06
CA SER B 29 -9.78 1.61 -8.44
C SER B 29 -9.42 0.54 -9.49
N GLY B 30 -8.60 -0.43 -9.10
CA GLY B 30 -8.38 -1.58 -9.95
C GLY B 30 -9.58 -2.48 -9.98
N LEU B 31 -9.32 -3.73 -10.35
CA LEU B 31 -10.36 -4.71 -10.43
C LEU B 31 -10.44 -5.40 -9.06
N SER B 32 -11.22 -4.80 -8.14
CA SER B 32 -11.32 -5.34 -6.81
C SER B 32 -12.72 -5.16 -6.21
N PHE B 33 -13.08 -6.04 -5.29
CA PHE B 33 -14.30 -5.89 -4.49
C PHE B 33 -13.90 -5.85 -3.01
N GLY B 34 -14.81 -5.37 -2.16
CA GLY B 34 -14.55 -5.35 -0.74
C GLY B 34 -15.74 -5.92 0.02
N VAL B 35 -15.78 -5.58 1.29
CA VAL B 35 -16.81 -6.11 2.23
C VAL B 35 -18.26 -5.91 1.69
N ILE B 36 -18.59 -4.71 1.21
CA ILE B 36 -19.99 -4.41 0.86
C ILE B 36 -20.47 -5.28 -0.34
N GLU B 37 -19.61 -5.45 -1.35
CA GLU B 37 -19.96 -6.25 -2.50
C GLU B 37 -20.07 -7.73 -2.11
N GLY B 38 -19.20 -8.17 -1.20
CA GLY B 38 -19.23 -9.52 -0.70
C GLY B 38 -20.55 -9.83 -0.03
N LEU B 39 -20.95 -8.92 0.87
CA LEU B 39 -22.23 -8.99 1.57
C LEU B 39 -23.38 -9.05 0.59
N ARG B 40 -23.44 -8.12 -0.38
CA ARG B 40 -24.45 -8.18 -1.46
C ARG B 40 -24.48 -9.50 -2.24
N ALA B 41 -23.30 -10.07 -2.49
CA ALA B 41 -23.23 -11.37 -3.20
C ALA B 41 -23.85 -12.46 -2.36
N LEU B 42 -23.67 -12.37 -1.05
CA LEU B 42 -24.17 -13.43 -0.17
C LEU B 42 -25.67 -13.38 0.11
N ARG B 43 -26.27 -12.20 -0.11
CA ARG B 43 -27.65 -11.88 0.22
C ARG B 43 -28.14 -11.04 -0.96
N PRO B 44 -28.20 -11.62 -2.18
CA PRO B 44 -28.56 -10.76 -3.31
C PRO B 44 -30.09 -10.45 -3.42
N GLU B 45 -30.83 -10.61 -2.34
CA GLU B 45 -32.23 -10.22 -2.34
C GLU B 45 -32.43 -9.14 -1.24
N ALA B 46 -31.31 -8.59 -0.77
CA ALA B 46 -31.32 -7.39 0.03
C ALA B 46 -31.58 -6.26 -0.97
N ARG B 47 -32.50 -5.39 -0.66
CA ARG B 47 -32.83 -4.31 -1.57
C ARG B 47 -31.79 -3.20 -1.43
N PHE B 48 -31.34 -3.00 -0.20
CA PHE B 48 -30.54 -1.85 0.15
C PHE B 48 -29.53 -2.33 1.19
N LEU B 49 -28.25 -2.07 0.91
CA LEU B 49 -27.15 -2.32 1.82
C LEU B 49 -26.14 -1.30 1.47
N GLU B 50 -25.90 -0.38 2.39
CA GLU B 50 -24.91 0.68 2.18
C GLU B 50 -24.03 0.97 3.39
N LEU B 51 -22.75 1.19 3.12
CA LEU B 51 -21.79 1.69 4.10
C LEU B 51 -22.16 3.04 4.68
N VAL B 52 -22.15 3.13 6.00
CA VAL B 52 -22.47 4.41 6.66
C VAL B 52 -21.25 5.31 6.70
N HIS B 53 -20.09 4.68 6.88
CA HIS B 53 -18.79 5.33 6.96
C HIS B 53 -17.74 4.29 6.48
N ARG B 54 -16.48 4.72 6.38
CA ARG B 54 -15.41 3.84 5.91
C ARG B 54 -14.40 3.60 7.00
N LEU B 55 -13.77 2.42 6.99
CA LEU B 55 -12.49 2.17 7.66
C LEU B 55 -11.48 1.85 6.54
N ASP B 56 -10.22 2.28 6.66
CA ASP B 56 -9.06 1.85 5.78
C ASP B 56 -9.03 0.36 5.56
N ARG B 57 -8.38 -0.07 4.48
CA ARG B 57 -8.24 -1.50 4.17
C ARG B 57 -7.68 -2.31 5.36
N ASP B 58 -6.68 -1.73 6.06
CA ASP B 58 -5.91 -2.49 7.06
C ASP B 58 -6.40 -2.28 8.47
N THR B 59 -7.33 -1.33 8.62
CA THR B 59 -7.98 -1.11 9.90
C THR B 59 -9.04 -2.16 10.07
N SER B 60 -9.24 -2.63 11.31
CA SER B 60 -10.27 -3.61 11.61
C SER B 60 -11.32 -3.06 12.62
N GLY B 61 -12.44 -3.76 12.80
CA GLY B 61 -13.34 -3.43 13.89
C GLY B 61 -14.70 -2.91 13.44
N VAL B 62 -15.37 -2.18 14.34
CA VAL B 62 -16.79 -1.79 14.15
C VAL B 62 -17.05 -1.05 12.85
N LEU B 63 -17.89 -1.63 12.02
CA LEU B 63 -18.30 -1.06 10.73
C LEU B 63 -19.84 -1.12 10.58
N LEU B 64 -20.45 0.04 10.41
CA LEU B 64 -21.87 0.25 10.35
C LEU B 64 -22.38 0.29 8.90
N VAL B 65 -23.32 -0.58 8.61
CA VAL B 65 -23.97 -0.73 7.30
C VAL B 65 -25.46 -0.42 7.59
N ALA B 66 -26.04 0.47 6.78
CA ALA B 66 -27.50 0.74 6.80
C ALA B 66 -28.25 -0.19 5.86
N LYS B 67 -29.47 -0.63 6.25
CA LYS B 67 -30.30 -1.57 5.48
C LYS B 67 -31.57 -0.89 4.95
N LYS B 68 -31.75 0.39 5.29
CA LYS B 68 -32.77 1.25 4.72
C LYS B 68 -32.17 2.59 4.41
N ARG B 69 -32.68 3.30 3.42
CA ARG B 69 -32.29 4.70 3.19
C ARG B 69 -32.44 5.58 4.45
N SER B 70 -33.49 5.35 5.25
CA SER B 70 -33.72 6.17 6.45
C SER B 70 -32.65 6.02 7.46
N ALA B 71 -32.16 4.78 7.62
CA ALA B 71 -31.14 4.47 8.61
C ALA B 71 -29.84 5.17 8.10
N LEU B 72 -29.56 5.02 6.80
CA LEU B 72 -28.44 5.73 6.24
C LEU B 72 -28.51 7.26 6.54
N ARG B 73 -29.62 7.91 6.24
CA ARG B 73 -29.67 9.39 6.38
C ARG B 73 -29.44 9.75 7.85
N SER B 74 -30.08 9.02 8.77
CA SER B 74 -30.06 9.37 10.22
C SER B 74 -28.63 9.22 10.75
N LEU B 75 -27.94 8.16 10.34
CA LEU B 75 -26.56 7.88 10.76
C LEU B 75 -25.56 8.89 10.16
N HIS B 76 -25.72 9.24 8.85
CA HIS B 76 -24.92 10.29 8.22
C HIS B 76 -25.09 11.62 9.00
N GLU B 77 -26.32 11.90 9.40
CA GLU B 77 -26.64 13.13 10.16
C GLU B 77 -25.98 13.14 11.54
N GLN B 78 -26.14 12.02 12.28
CA GLN B 78 -25.38 11.80 13.51
C GLN B 78 -23.87 11.98 13.36
N LEU B 79 -23.29 11.51 12.27
CA LEU B 79 -21.85 11.70 12.03
C LEU B 79 -21.51 13.17 11.93
N ARG B 80 -22.15 13.84 10.97
CA ARG B 80 -22.11 15.32 10.81
C ARG B 80 -22.40 16.09 12.13
N GLU B 81 -23.39 15.68 12.90
CA GLU B 81 -23.69 16.40 14.14
C GLU B 81 -22.83 16.00 15.34
N LYS B 82 -21.67 15.39 15.05
CA LYS B 82 -20.84 14.62 16.00
C LYS B 82 -21.68 14.05 17.15
N GLY B 83 -22.69 13.24 16.79
CA GLY B 83 -23.53 12.52 17.73
C GLY B 83 -23.06 11.07 17.83
N MET B 84 -21.80 10.84 17.43
CA MET B 84 -21.17 9.52 17.47
C MET B 84 -19.80 9.56 18.21
N GLN B 85 -19.58 8.63 19.13
CA GLN B 85 -18.23 8.46 19.63
C GLN B 85 -17.68 7.13 19.08
N LYS B 86 -16.49 7.20 18.47
CA LYS B 86 -15.77 6.04 17.90
C LYS B 86 -14.47 5.89 18.68
N ASP B 87 -14.26 4.73 19.29
CA ASP B 87 -12.98 4.51 19.98
C ASP B 87 -12.13 3.48 19.24
N TYR B 88 -10.83 3.76 19.12
CA TYR B 88 -9.88 2.89 18.45
C TYR B 88 -8.76 2.49 19.41
N LEU B 89 -8.17 1.32 19.15
CA LEU B 89 -6.94 0.96 19.84
C LEU B 89 -5.83 0.96 18.83
N ALA B 90 -4.73 1.61 19.19
CA ALA B 90 -3.58 1.65 18.33
C ALA B 90 -2.28 1.33 19.07
N LEU B 91 -1.42 0.50 18.46
CA LEU B 91 -0.05 0.28 18.95
C LEU B 91 0.90 1.22 18.27
N VAL B 92 1.41 2.16 19.06
CA VAL B 92 2.36 3.18 18.58
C VAL B 92 3.83 3.04 19.06
N ARG B 93 4.76 3.47 18.19
CA ARG B 93 6.20 3.49 18.46
C ARG B 93 6.54 4.30 19.70
N GLY B 94 7.36 3.68 20.57
CA GLY B 94 7.95 4.40 21.70
C GLY B 94 6.94 4.67 22.79
N GLN B 95 7.25 5.62 23.66
CA GLN B 95 6.41 5.94 24.79
C GLN B 95 5.59 7.16 24.44
N TRP B 96 4.28 6.95 24.33
CA TRP B 96 3.32 8.05 24.24
C TRP B 96 3.31 8.77 25.59
N GLN B 97 3.42 10.09 25.54
CA GLN B 97 3.35 10.94 26.74
C GLN B 97 1.94 10.93 27.31
N SER B 98 1.84 10.56 28.58
CA SER B 98 0.58 10.68 29.33
C SER B 98 -0.09 12.05 29.20
N HIS B 99 0.69 13.10 28.97
CA HIS B 99 0.19 14.48 28.91
C HIS B 99 -0.34 14.96 27.51
N VAL B 100 -0.10 14.18 26.46
CA VAL B 100 -0.78 14.44 25.18
C VAL B 100 -2.15 13.75 25.19
N LYS B 101 -3.20 14.54 25.29
CA LYS B 101 -4.56 14.02 25.31
C LYS B 101 -5.33 14.50 24.09
N SER B 102 -4.66 15.30 23.27
CA SER B 102 -5.23 15.82 22.04
C SER B 102 -4.08 16.09 21.11
N VAL B 103 -4.20 15.68 19.85
CA VAL B 103 -3.38 16.19 18.76
C VAL B 103 -4.28 16.91 17.77
N GLN B 104 -3.89 18.14 17.46
CA GLN B 104 -4.55 18.96 16.45
C GLN B 104 -3.49 19.31 15.41
N ALA B 105 -3.82 19.08 14.16
CA ALA B 105 -2.89 19.30 13.05
C ALA B 105 -3.68 19.17 11.75
N PRO B 106 -3.56 20.17 10.87
CA PRO B 106 -4.40 20.19 9.67
C PRO B 106 -3.95 19.17 8.63
N LEU B 107 -4.91 18.51 7.99
CA LEU B 107 -4.59 17.42 7.09
C LEU B 107 -5.04 17.64 5.65
N LEU B 108 -4.10 17.42 4.72
CA LEU B 108 -4.29 17.57 3.32
C LEU B 108 -4.15 16.22 2.63
N LYS B 109 -5.21 15.79 1.93
CA LYS B 109 -5.18 14.53 1.19
C LYS B 109 -4.73 14.71 -0.26
N ASN B 110 -3.98 13.74 -0.74
CA ASN B 110 -3.67 13.68 -2.15
C ASN B 110 -4.08 12.32 -2.64
N ILE B 111 -4.71 12.26 -3.80
CA ILE B 111 -4.94 10.99 -4.47
C ILE B 111 -3.84 10.75 -5.51
N LEU B 112 -3.21 9.57 -5.44
CA LEU B 112 -2.12 9.11 -6.33
C LEU B 112 -2.63 8.50 -7.63
N GLN B 113 -1.72 8.27 -8.60
CA GLN B 113 -2.10 7.70 -9.91
C GLN B 113 -2.81 6.35 -9.78
N SER B 114 -2.39 5.56 -8.80
CA SER B 114 -3.00 4.29 -8.50
C SER B 114 -4.47 4.44 -7.95
N GLY B 115 -4.86 5.64 -7.54
CA GLY B 115 -6.14 5.81 -6.85
C GLY B 115 -5.99 5.66 -5.34
N GLU B 116 -4.84 5.20 -4.87
CA GLU B 116 -4.50 5.26 -3.44
C GLU B 116 -4.40 6.70 -2.88
N ARG B 117 -4.78 6.87 -1.62
CA ARG B 117 -4.81 8.18 -0.95
C ARG B 117 -3.56 8.35 -0.10
N ILE B 118 -3.08 9.59 0.02
CA ILE B 118 -1.92 9.85 0.89
C ILE B 118 -2.15 11.19 1.55
N VAL B 119 -1.96 11.25 2.85
CA VAL B 119 -2.40 12.43 3.56
C VAL B 119 -1.31 12.98 4.45
N ARG B 120 -1.20 14.31 4.36
CA ARG B 120 -0.08 15.03 4.95
C ARG B 120 -0.59 16.08 5.93
N VAL B 121 0.07 16.22 7.07
CA VAL B 121 -0.06 17.47 7.85
C VAL B 121 0.35 18.67 6.95
N SER B 122 -0.58 19.60 6.72
CA SER B 122 -0.29 20.76 5.88
C SER B 122 -1.18 21.93 6.27
N GLN B 123 -0.60 23.12 6.28
CA GLN B 123 -1.30 24.33 6.73
C GLN B 123 -2.46 24.69 5.75
N GLU B 124 -2.37 24.14 4.54
CA GLU B 124 -3.38 24.30 3.53
C GLU B 124 -4.48 23.22 3.61
N GLY B 125 -4.36 22.29 4.55
CA GLY B 125 -5.34 21.20 4.70
C GLY B 125 -6.38 21.47 5.77
N LYS B 126 -7.37 20.55 5.85
CA LYS B 126 -8.52 20.63 6.79
C LYS B 126 -8.09 20.56 8.26
N PRO B 127 -8.66 21.42 9.14
CA PRO B 127 -8.35 21.35 10.59
C PRO B 127 -8.85 20.04 11.20
N SER B 128 -8.01 19.40 12.02
CA SER B 128 -8.30 18.05 12.53
C SER B 128 -7.87 17.92 13.94
N GLU B 129 -8.69 17.24 14.73
CA GLU B 129 -8.33 16.83 16.11
C GLU B 129 -8.65 15.34 16.46
N THR B 130 -7.67 14.68 17.08
CA THR B 130 -7.81 13.35 17.69
C THR B 130 -7.45 13.47 19.20
N ARG B 131 -8.29 12.91 20.08
CA ARG B 131 -7.94 12.77 21.48
C ARG B 131 -7.37 11.35 21.75
N PHE B 132 -6.38 11.28 22.64
CA PHE B 132 -5.66 10.05 22.96
C PHE B 132 -5.66 9.80 24.44
N LYS B 133 -5.58 8.54 24.84
CA LYS B 133 -5.49 8.15 26.24
C LYS B 133 -4.59 6.92 26.26
N VAL B 134 -3.67 6.86 27.23
CA VAL B 134 -2.77 5.72 27.39
C VAL B 134 -3.55 4.53 27.92
N GLU B 135 -3.38 3.40 27.26
CA GLU B 135 -4.04 2.19 27.70
C GLU B 135 -3.13 1.22 28.43
N GLU B 136 -1.90 1.08 27.94
CA GLU B 136 -0.97 0.07 28.43
C GLU B 136 0.41 0.37 27.91
N ARG B 137 1.40 0.23 28.81
CA ARG B 137 2.78 0.61 28.54
C ARG B 137 3.67 -0.56 28.14
N TYR B 138 4.44 -0.40 27.09
CA TYR B 138 5.42 -1.43 26.79
C TYR B 138 6.83 -0.82 26.67
N ALA B 139 7.82 -1.70 26.52
CA ALA B 139 9.24 -1.39 26.49
C ALA B 139 9.69 -0.46 25.34
N PHE B 140 9.39 -0.84 24.10
CA PHE B 140 9.68 0.06 22.98
C PHE B 140 8.41 0.56 22.20
N ALA B 141 7.23 0.31 22.78
CA ALA B 141 5.90 0.58 22.18
C ALA B 141 4.79 0.93 23.22
N THR B 142 3.66 1.49 22.77
CA THR B 142 2.53 1.90 23.67
C THR B 142 1.15 1.59 23.03
N LEU B 143 0.21 1.08 23.82
CA LEU B 143 -1.19 0.96 23.41
C LEU B 143 -1.96 2.21 23.85
N VAL B 144 -2.55 2.91 22.87
CA VAL B 144 -3.40 4.10 23.12
C VAL B 144 -4.86 3.91 22.61
N ARG B 145 -5.80 4.41 23.38
CA ARG B 145 -7.13 4.65 22.90
C ARG B 145 -7.13 6.01 22.09
N CYS B 146 -7.75 5.95 20.92
CA CYS B 146 -7.77 7.06 20.01
C CYS B 146 -9.25 7.35 19.74
N SER B 147 -9.68 8.54 20.12
CA SER B 147 -11.03 8.99 19.88
C SER B 147 -10.97 10.23 18.94
N PRO B 148 -11.17 10.01 17.62
CA PRO B 148 -11.12 11.12 16.65
C PRO B 148 -12.31 12.11 16.83
N VAL B 149 -12.01 13.42 16.87
CA VAL B 149 -13.10 14.42 17.03
C VAL B 149 -13.64 14.76 15.62
N THR B 150 -12.75 15.29 14.75
CA THR B 150 -12.90 15.24 13.28
C THR B 150 -12.77 13.80 12.72
N GLY B 151 -13.16 13.59 11.46
CA GLY B 151 -13.02 12.28 10.82
C GLY B 151 -12.30 12.28 9.47
N ARG B 152 -11.19 12.99 9.40
CA ARG B 152 -10.45 13.04 8.16
C ARG B 152 -9.84 11.66 7.79
N THR B 153 -9.51 11.54 6.50
CA THR B 153 -8.79 10.40 5.91
C THR B 153 -7.43 10.18 6.63
N HIS B 154 -7.18 8.92 7.01
CA HIS B 154 -5.98 8.50 7.77
C HIS B 154 -5.61 9.37 8.96
N GLN B 155 -6.60 9.98 9.60
CA GLN B 155 -6.29 10.98 10.63
C GLN B 155 -5.53 10.42 11.84
N ILE B 156 -5.94 9.27 12.39
CA ILE B 156 -5.28 8.69 13.55
C ILE B 156 -3.83 8.31 13.15
N ARG B 157 -3.69 7.64 12.01
CA ARG B 157 -2.40 7.28 11.45
C ARG B 157 -1.42 8.44 11.29
N VAL B 158 -1.89 9.56 10.72
CA VAL B 158 -1.05 10.74 10.50
C VAL B 158 -0.80 11.56 11.79
N HIS B 159 -1.80 11.74 12.66
CA HIS B 159 -1.58 12.46 13.92
C HIS B 159 -0.62 11.72 14.88
N THR B 160 -0.71 10.38 14.90
CA THR B 160 0.21 9.55 15.70
C THR B 160 1.58 9.72 15.08
N GLN B 161 1.66 9.71 13.74
CA GLN B 161 2.92 9.96 13.06
C GLN B 161 3.41 11.34 13.49
N TYR B 162 2.67 12.37 13.13
CA TYR B 162 3.00 13.75 13.48
C TYR B 162 3.52 13.87 14.92
N ALA B 163 2.91 13.15 15.86
CA ALA B 163 3.29 13.28 17.28
C ALA B 163 4.56 12.48 17.62
N GLY B 164 5.20 11.91 16.60
CA GLY B 164 6.44 11.20 16.78
C GLY B 164 6.25 9.78 17.25
N HIS B 165 5.01 9.28 17.22
CA HIS B 165 4.66 7.90 17.62
C HIS B 165 3.81 7.12 16.57
N PRO B 166 4.44 6.71 15.44
CA PRO B 166 3.80 6.07 14.32
C PRO B 166 3.27 4.71 14.67
N ILE B 167 2.23 4.29 13.94
CA ILE B 167 1.57 3.03 14.26
C ILE B 167 2.39 1.86 13.72
N ALA B 168 2.41 0.76 14.45
CA ALA B 168 3.01 -0.50 14.00
C ALA B 168 2.46 -0.96 12.65
N PHE B 169 3.38 -1.32 11.74
CA PHE B 169 3.07 -1.89 10.44
C PHE B 169 2.17 -0.96 9.58
N ASP B 170 2.33 0.33 9.84
CA ASP B 170 1.78 1.37 8.99
C ASP B 170 2.69 1.55 7.76
N ASP B 171 2.29 0.94 6.65
CA ASP B 171 3.09 0.96 5.42
C ASP B 171 2.96 2.26 4.58
N ARG B 172 2.47 3.36 5.18
CA ARG B 172 2.54 4.71 4.54
C ARG B 172 3.15 5.74 5.50
N TYR B 173 2.90 5.58 6.80
CA TYR B 173 3.26 6.60 7.79
C TYR B 173 4.06 6.01 8.95
N GLY B 174 4.40 4.73 8.82
CA GLY B 174 5.04 4.03 9.91
C GLY B 174 6.55 4.08 9.78
N ASP B 175 7.18 3.30 10.63
CA ASP B 175 8.62 3.32 10.80
C ASP B 175 9.11 1.90 10.59
N ARG B 176 9.66 1.64 9.40
CA ARG B 176 10.27 0.33 9.09
C ARG B 176 11.17 -0.24 10.21
N GLU B 177 11.74 0.63 11.05
CA GLU B 177 12.66 0.19 12.10
C GLU B 177 11.91 -0.23 13.39
N PHE B 178 10.79 0.43 13.64
CA PHE B 178 9.85 0.00 14.68
C PHE B 178 9.23 -1.35 14.29
N ASP B 179 8.91 -1.48 13.01
CA ASP B 179 8.40 -2.72 12.47
C ASP B 179 9.43 -3.87 12.56
N ARG B 180 10.67 -3.62 12.13
CA ARG B 180 11.79 -4.58 12.29
C ARG B 180 11.85 -4.98 13.77
N GLN B 181 11.81 -3.99 14.65
CA GLN B 181 11.85 -4.24 16.08
C GLN B 181 10.72 -5.12 16.59
N LEU B 182 9.54 -5.09 15.96
CA LEU B 182 8.39 -5.83 16.46
C LEU B 182 8.50 -7.28 16.00
N THR B 183 8.97 -7.43 14.76
CA THR B 183 9.21 -8.72 14.14
C THR B 183 10.30 -9.46 14.92
N GLU B 184 11.34 -8.74 15.36
CA GLU B 184 12.44 -9.35 16.14
C GLU B 184 11.99 -9.76 17.57
N ALA B 185 11.10 -8.99 18.20
CA ALA B 185 10.50 -9.43 19.46
C ALA B 185 9.57 -10.67 19.25
N GLY B 186 9.38 -11.08 17.99
CA GLY B 186 8.56 -12.25 17.65
C GLY B 186 7.09 -12.15 17.99
N THR B 187 6.51 -10.97 17.69
CA THR B 187 5.12 -10.63 18.03
C THR B 187 4.24 -11.31 17.03
N GLY B 188 4.82 -11.53 15.86
CA GLY B 188 4.12 -12.16 14.76
C GLY B 188 3.18 -11.19 14.09
N LEU B 189 3.23 -9.92 14.54
CA LEU B 189 2.39 -8.84 14.00
C LEU B 189 2.64 -8.73 12.53
N ASN B 190 1.52 -8.67 11.85
CA ASN B 190 1.39 -8.93 10.48
C ASN B 190 0.58 -7.85 9.77
N ARG B 191 0.21 -6.79 10.48
CA ARG B 191 -0.83 -5.89 9.97
C ARG B 191 -0.79 -4.57 10.71
N LEU B 192 -1.22 -3.48 10.05
CA LEU B 192 -1.49 -2.18 10.75
C LEU B 192 -2.15 -2.42 12.09
N PHE B 193 -1.58 -1.90 13.18
CA PHE B 193 -2.19 -2.10 14.51
C PHE B 193 -3.17 -0.95 14.84
N LEU B 194 -4.34 -0.99 14.20
CA LEU B 194 -5.34 0.07 14.44
C LEU B 194 -6.68 -0.60 14.38
N HIS B 195 -7.36 -0.59 15.49
CA HIS B 195 -8.61 -1.30 15.56
C HIS B 195 -9.70 -0.35 16.09
N ALA B 196 -10.80 -0.22 15.33
CA ALA B 196 -12.02 0.38 15.81
C ALA B 196 -12.68 -0.50 16.90
N ALA B 197 -12.41 -0.16 18.16
CA ALA B 197 -12.85 -0.98 19.32
C ALA B 197 -14.34 -0.88 19.69
N ALA B 198 -14.87 0.33 19.59
CA ALA B 198 -16.24 0.64 20.08
C ALA B 198 -16.85 1.79 19.30
N LEU B 199 -18.16 1.72 19.13
CA LEU B 199 -18.93 2.73 18.44
C LEU B 199 -20.21 3.01 19.24
N LYS B 200 -20.49 4.29 19.49
CA LYS B 200 -21.68 4.72 20.25
C LYS B 200 -22.48 5.66 19.35
N PHE B 201 -23.77 5.40 19.23
CA PHE B 201 -24.62 6.14 18.30
C PHE B 201 -26.07 5.97 18.73
N THR B 202 -26.98 6.71 18.09
CA THR B 202 -28.44 6.58 18.34
C THR B 202 -29.14 5.76 17.27
N HIS B 203 -29.74 4.64 17.68
CA HIS B 203 -30.39 3.76 16.75
C HIS B 203 -31.42 4.54 15.95
N PRO B 204 -31.36 4.45 14.59
CA PRO B 204 -32.18 5.33 13.76
C PRO B 204 -33.68 5.02 13.75
N GLY B 205 -34.03 3.78 14.10
CA GLY B 205 -35.41 3.33 14.18
C GLY B 205 -35.97 3.54 15.59
N THR B 206 -35.29 3.01 16.59
CA THR B 206 -35.68 3.02 18.01
C THR B 206 -35.48 4.38 18.74
N GLY B 207 -34.55 5.19 18.25
CA GLY B 207 -34.05 6.36 18.97
C GLY B 207 -33.22 6.10 20.21
N GLU B 208 -33.08 4.84 20.63
CA GLU B 208 -32.22 4.61 21.79
C GLU B 208 -30.70 4.47 21.52
N VAL B 209 -29.91 4.94 22.49
CA VAL B 209 -28.46 4.94 22.41
C VAL B 209 -27.96 3.49 22.40
N MET B 210 -26.99 3.20 21.51
CA MET B 210 -26.37 1.86 21.38
C MET B 210 -24.88 1.98 21.47
N ARG B 211 -24.28 1.04 22.20
CA ARG B 211 -22.81 0.89 22.24
C ARG B 211 -22.35 -0.51 21.77
N ILE B 212 -21.60 -0.54 20.67
CA ILE B 212 -21.20 -1.80 20.04
C ILE B 212 -19.69 -1.90 20.12
N GLU B 213 -19.23 -3.07 20.58
CA GLU B 213 -17.83 -3.38 20.73
C GLU B 213 -17.38 -4.46 19.72
N ALA B 214 -16.19 -4.28 19.19
CA ALA B 214 -15.56 -5.28 18.32
C ALA B 214 -14.26 -5.78 18.94
N PRO B 215 -14.21 -7.09 19.19
CA PRO B 215 -13.01 -7.81 19.62
C PRO B 215 -11.83 -7.66 18.64
N MET B 216 -10.64 -7.42 19.19
CA MET B 216 -9.40 -7.53 18.44
C MET B 216 -9.23 -8.94 17.91
N ASP B 217 -8.54 -9.10 16.80
CA ASP B 217 -8.34 -10.43 16.25
C ASP B 217 -7.19 -11.09 17.04
N GLU B 218 -6.97 -12.38 16.81
CA GLU B 218 -5.96 -13.14 17.51
C GLU B 218 -4.51 -12.62 17.29
N GLY B 219 -4.22 -12.22 16.08
CA GLY B 219 -2.93 -11.61 15.75
C GLY B 219 -2.69 -10.40 16.61
N LEU B 220 -3.69 -9.53 16.77
CA LEU B 220 -3.50 -8.33 17.62
C LEU B 220 -3.30 -8.71 19.09
N LYS B 221 -4.16 -9.57 19.61
CA LYS B 221 -4.01 -10.10 20.95
C LYS B 221 -2.64 -10.79 21.20
N ARG B 222 -2.26 -11.75 20.35
CA ARG B 222 -1.00 -12.45 20.51
C ARG B 222 0.15 -11.42 20.61
N CYS B 223 0.23 -10.46 19.68
CA CYS B 223 1.20 -9.32 19.74
C CYS B 223 1.27 -8.57 21.09
N LEU B 224 0.10 -8.21 21.61
CA LEU B 224 0.04 -7.44 22.83
C LEU B 224 0.54 -8.25 24.03
N GLN B 225 0.08 -9.51 24.15
CA GLN B 225 0.64 -10.49 25.10
C GLN B 225 2.21 -10.66 24.92
N LYS B 226 2.70 -10.79 23.69
CA LYS B 226 4.16 -10.83 23.45
C LYS B 226 4.88 -9.62 24.07
N LEU B 227 4.37 -8.41 23.81
CA LEU B 227 4.94 -7.19 24.38
C LEU B 227 4.66 -7.00 25.87
N ARG B 228 3.52 -7.48 26.36
CA ARG B 228 3.23 -7.43 27.79
C ARG B 228 4.34 -8.22 28.57
N ASN B 229 4.58 -9.48 28.17
CA ASN B 229 5.54 -10.42 28.82
C ASN B 229 6.86 -10.62 28.07
C ACY C . -1.29 -16.11 -12.19
O ACY C . -0.58 -16.43 -13.19
OXT ACY C . -2.50 -16.45 -12.10
CH3 ACY C . -0.75 -15.35 -11.02
C ACY D . 5.46 -13.20 -2.93
O ACY D . 4.67 -13.47 -3.86
OXT ACY D . 6.04 -12.10 -2.83
CH3 ACY D . 5.71 -14.26 -1.90
C ACY E . 3.64 -4.43 -2.79
O ACY E . 3.49 -5.26 -1.82
OXT ACY E . 4.33 -4.60 -3.79
CH3 ACY E . 3.01 -3.07 -2.75
C ACY F . -36.43 7.52 1.98
O ACY F . -36.31 8.51 1.25
OXT ACY F . -36.34 7.65 3.19
CH3 ACY F . -36.75 6.17 1.35
C ACY G . -8.96 14.47 4.37
O ACY G . -9.19 14.94 3.21
OXT ACY G . -9.79 13.74 5.00
CH3 ACY G . -7.61 14.73 4.97
#